data_6EMT
#
_entry.id   6EMT
#
_cell.length_a   62.262
_cell.length_b   62.262
_cell.length_c   203.510
_cell.angle_alpha   90.000
_cell.angle_beta   90.000
_cell.angle_gamma   120.000
#
_symmetry.space_group_name_H-M   'P 61 2 2'
#
loop_
_entity.id
_entity.type
_entity.pdbx_description
1 polymer 'tRNA (guanine(9)-/adenine(9)-N1)-methyltransferase'
2 non-polymer 'ACETATE ION'
3 non-polymer GLYCEROL
4 non-polymer 2-AMINO-2-HYDROXYMETHYL-PROPANE-1,3-DIOL
5 water water
#
_entity_poly.entity_id   1
_entity_poly.type   'polypeptide(L)'
_entity_poly.pdbx_seq_one_letter_code
;MGSSHHHHHHSSGLVPRGSHMDWPYFIIDLYHWDKHTQKEKGKIALQVNQSYGLLRDYFTGSELAVTWANEEFREMFHGP
LDRITTYGGPTSEFLKENGINEVVLLDPWAEEVLSEKDFDVKAFIIGGIVDTGGNKKKTTPKIGEELESAGIKVRRRKIV
LRGDVVGVPDRINRILGIILKMMVEGKSMDEAVYEMQ
;
_entity_poly.pdbx_strand_id   A
#
# COMPACT_ATOMS: atom_id res chain seq x y z
N ASP A 22 -15.03 6.54 5.70
CA ASP A 22 -15.50 5.33 5.03
C ASP A 22 -14.46 4.80 4.04
N TRP A 23 -13.56 5.67 3.61
CA TRP A 23 -12.53 5.26 2.66
C TRP A 23 -11.44 4.45 3.38
N PRO A 24 -10.84 3.49 2.68
CA PRO A 24 -9.85 2.62 3.33
C PRO A 24 -8.50 3.30 3.50
N TYR A 25 -7.69 2.71 4.37
CA TYR A 25 -6.29 3.09 4.46
C TYR A 25 -5.50 2.38 3.37
N PHE A 26 -4.51 3.08 2.84
CA PHE A 26 -3.53 2.52 1.92
C PHE A 26 -2.19 2.57 2.64
N ILE A 27 -1.65 1.39 2.96
CA ILE A 27 -0.57 1.27 3.93
C ILE A 27 0.73 0.99 3.21
N ILE A 28 1.76 1.76 3.55
CA ILE A 28 3.14 1.48 3.17
C ILE A 28 3.82 0.99 4.45
N ASP A 29 4.19 -0.29 4.48
CA ASP A 29 4.65 -0.99 5.68
C ASP A 29 6.18 -1.03 5.67
N LEU A 30 6.80 -0.35 6.63
CA LEU A 30 8.26 -0.26 6.67
C LEU A 30 8.89 -1.34 7.53
N TYR A 31 8.22 -2.49 7.68
CA TYR A 31 8.72 -3.58 8.51
C TYR A 31 10.17 -3.94 8.16
N HIS A 32 10.50 -3.99 6.87
CA HIS A 32 11.81 -4.40 6.39
C HIS A 32 12.76 -3.24 6.15
N TRP A 33 12.53 -2.10 6.83
CA TRP A 33 13.25 -0.86 6.54
C TRP A 33 14.77 -1.07 6.53
N ASP A 34 15.29 -1.76 7.54
CA ASP A 34 16.74 -1.87 7.69
C ASP A 34 17.38 -2.80 6.67
N LYS A 35 16.59 -3.52 5.87
CA LYS A 35 17.13 -4.36 4.82
C LYS A 35 17.39 -3.61 3.53
N HIS A 36 16.99 -2.35 3.43
CA HIS A 36 17.11 -1.59 2.19
C HIS A 36 18.40 -0.79 2.17
N THR A 37 18.89 -0.54 0.95
CA THR A 37 19.98 0.41 0.74
C THR A 37 19.48 1.82 0.98
N GLN A 38 20.43 2.76 1.13
CA GLN A 38 20.03 4.15 1.28
C GLN A 38 19.26 4.65 0.06
N LYS A 39 19.64 4.19 -1.13
CA LYS A 39 18.87 4.58 -2.33
C LYS A 39 17.45 4.02 -2.28
N GLU A 40 17.30 2.75 -1.89
CA GLU A 40 15.97 2.17 -1.80
C GLU A 40 15.12 2.88 -0.73
N LYS A 41 15.74 3.24 0.40
CA LYS A 41 15.03 4.05 1.38
C LYS A 41 14.55 5.36 0.77
N GLY A 42 15.40 6.03 -0.01
CA GLY A 42 15.01 7.28 -0.64
C GLY A 42 13.91 7.11 -1.65
N LYS A 43 13.87 5.96 -2.34
CA LYS A 43 12.79 5.69 -3.28
C LYS A 43 11.47 5.50 -2.57
N ILE A 44 11.50 4.91 -1.37
CA ILE A 44 10.27 4.73 -0.60
C ILE A 44 9.69 6.10 -0.21
N ALA A 45 10.55 7.01 0.25
CA ALA A 45 10.10 8.36 0.56
C ALA A 45 9.50 9.04 -0.66
N LEU A 46 10.16 8.88 -1.81
CA LEU A 46 9.59 9.41 -3.07
C LEU A 46 8.21 8.84 -3.32
N GLN A 47 8.06 7.52 -3.18
CA GLN A 47 6.76 6.88 -3.41
C GLN A 47 5.71 7.38 -2.42
N VAL A 48 6.10 7.62 -1.17
CA VAL A 48 5.17 8.20 -0.21
C VAL A 48 4.64 9.54 -0.70
N ASN A 49 5.55 10.43 -1.13
CA ASN A 49 5.15 11.75 -1.60
C ASN A 49 4.24 11.65 -2.82
N GLN A 50 4.57 10.78 -3.77
CA GLN A 50 3.74 10.64 -4.96
CA GLN A 50 3.75 10.62 -4.96
C GLN A 50 2.38 10.04 -4.62
N SER A 51 2.36 9.06 -3.71
CA SER A 51 1.10 8.44 -3.30
C SER A 51 0.21 9.43 -2.57
N TYR A 52 0.79 10.28 -1.74
CA TYR A 52 -0.01 11.34 -1.12
C TYR A 52 -0.64 12.22 -2.19
N GLY A 53 0.14 12.57 -3.22
CA GLY A 53 -0.41 13.36 -4.31
C GLY A 53 -1.63 12.73 -4.96
N LEU A 54 -1.58 11.41 -5.19
CA LEU A 54 -2.73 10.73 -5.79
C LEU A 54 -3.93 10.75 -4.84
N LEU A 55 -3.71 10.43 -3.57
CA LEU A 55 -4.82 10.34 -2.63
C LEU A 55 -5.38 11.71 -2.27
N ARG A 56 -4.54 12.75 -2.33
CA ARG A 56 -5.04 14.11 -2.14
C ARG A 56 -6.05 14.50 -3.23
N ASP A 57 -5.90 13.94 -4.43
CA ASP A 57 -6.87 14.17 -5.49
C ASP A 57 -8.14 13.35 -5.26
N TYR A 58 -8.01 12.03 -5.23
CA TYR A 58 -9.17 11.17 -5.04
C TYR A 58 -9.87 11.47 -3.72
N PHE A 59 -9.12 11.53 -2.64
CA PHE A 59 -9.69 11.66 -1.32
C PHE A 59 -9.12 12.88 -0.60
N THR A 60 -8.67 12.71 0.63
CA THR A 60 -8.10 13.81 1.40
C THR A 60 -6.59 13.77 1.49
N GLY A 61 -5.98 12.60 1.28
CA GLY A 61 -4.56 12.39 1.48
C GLY A 61 -4.23 11.68 2.77
N SER A 62 -5.07 11.82 3.80
CA SER A 62 -4.86 11.18 5.09
C SER A 62 -5.05 9.66 5.03
N GLU A 63 -5.60 9.14 3.93
CA GLU A 63 -5.77 7.69 3.78
C GLU A 63 -4.45 6.98 3.57
N LEU A 64 -3.39 7.70 3.19
CA LEU A 64 -2.07 7.11 3.14
C LEU A 64 -1.55 6.93 4.56
N ALA A 65 -1.20 5.70 4.92
CA ALA A 65 -0.69 5.39 6.24
C ALA A 65 0.65 4.71 6.10
N VAL A 66 1.62 5.12 6.91
CA VAL A 66 2.94 4.53 6.93
C VAL A 66 3.14 3.93 8.31
N THR A 67 3.34 2.62 8.37
CA THR A 67 3.58 1.94 9.63
C THR A 67 5.07 1.63 9.78
N TRP A 68 5.48 1.33 11.01
CA TRP A 68 6.89 1.24 11.38
C TRP A 68 7.65 2.50 10.97
N ALA A 69 7.01 3.66 11.08
CA ALA A 69 7.63 4.93 10.70
C ALA A 69 8.67 5.33 11.75
N ASN A 70 9.94 5.37 11.37
CA ASN A 70 11.01 5.68 12.31
C ASN A 70 11.64 7.02 11.97
N GLU A 71 12.63 7.40 12.77
CA GLU A 71 13.18 8.75 12.65
C GLU A 71 13.99 8.93 11.37
N GLU A 72 14.68 7.88 10.91
CA GLU A 72 15.43 8.00 9.67
C GLU A 72 14.48 8.23 8.49
N PHE A 73 13.37 7.51 8.48
CA PHE A 73 12.36 7.72 7.44
C PHE A 73 11.85 9.16 7.46
N ARG A 74 11.47 9.64 8.65
CA ARG A 74 10.91 10.99 8.75
C ARG A 74 11.92 12.05 8.33
N GLU A 75 13.21 11.84 8.63
CA GLU A 75 14.23 12.81 8.27
C GLU A 75 14.53 12.84 6.78
N MET A 76 13.96 11.93 5.99
CA MET A 76 14.13 11.99 4.54
C MET A 76 13.18 12.98 3.88
N PHE A 77 12.27 13.57 4.64
CA PHE A 77 11.33 14.55 4.12
C PHE A 77 11.77 15.95 4.52
N HIS A 78 11.10 16.95 3.95
CA HIS A 78 11.47 18.35 4.13
C HIS A 78 10.39 19.13 4.87
N GLY A 79 9.72 18.45 5.80
CA GLY A 79 8.71 19.07 6.64
C GLY A 79 7.96 18.01 7.41
N PRO A 80 7.10 18.43 8.33
CA PRO A 80 6.29 17.46 9.08
C PRO A 80 5.38 16.68 8.14
N LEU A 81 4.98 15.50 8.60
CA LEU A 81 4.15 14.59 7.80
C LEU A 81 2.71 14.53 8.33
N ASP A 82 2.23 15.64 8.90
CA ASP A 82 0.88 15.68 9.45
C ASP A 82 -0.17 15.38 8.40
N ARG A 83 0.13 15.66 7.11
CA ARG A 83 -0.86 15.48 6.06
C ARG A 83 -1.15 14.02 5.76
N ILE A 84 -0.29 13.10 6.19
CA ILE A 84 -0.54 11.68 6.04
C ILE A 84 -0.59 11.05 7.44
N THR A 85 -1.08 9.83 7.48
CA THR A 85 -1.12 9.07 8.72
C THR A 85 0.20 8.34 8.88
N THR A 86 0.91 8.61 9.96
CA THR A 86 2.14 7.91 10.26
C THR A 86 1.99 7.19 11.59
N TYR A 87 2.69 6.07 11.72
CA TYR A 87 2.55 5.21 12.90
C TYR A 87 3.88 4.53 13.16
N GLY A 88 4.44 4.77 14.34
CA GLY A 88 5.75 4.23 14.67
C GLY A 88 5.80 2.75 14.96
N GLY A 89 4.65 2.13 15.22
CA GLY A 89 4.63 0.75 15.67
C GLY A 89 4.22 -0.25 14.60
N PRO A 90 3.94 -1.47 15.02
CA PRO A 90 3.62 -2.54 14.06
C PRO A 90 2.30 -2.29 13.35
N THR A 91 2.24 -2.75 12.10
CA THR A 91 1.03 -2.62 11.30
C THR A 91 -0.16 -3.27 11.98
N SER A 92 0.04 -4.44 12.59
CA SER A 92 -1.06 -5.12 13.27
C SER A 92 -1.64 -4.26 14.38
N GLU A 93 -0.78 -3.55 15.11
CA GLU A 93 -1.25 -2.66 16.16
C GLU A 93 -2.03 -1.48 15.59
N PHE A 94 -1.51 -0.88 14.52
CA PHE A 94 -2.23 0.19 13.83
C PHE A 94 -3.62 -0.25 13.41
N LEU A 95 -3.72 -1.45 12.82
CA LEU A 95 -5.03 -1.95 12.39
C LEU A 95 -5.95 -2.18 13.59
N LYS A 96 -5.45 -2.82 14.64
CA LYS A 96 -6.28 -3.08 15.81
C LYS A 96 -6.75 -1.77 16.46
N GLU A 97 -5.88 -0.76 16.47
CA GLU A 97 -6.26 0.53 17.03
C GLU A 97 -7.42 1.15 16.29
N ASN A 98 -7.53 0.89 14.99
CA ASN A 98 -8.59 1.45 14.16
C ASN A 98 -9.73 0.48 13.92
N GLY A 99 -9.80 -0.60 14.70
CA GLY A 99 -10.89 -1.56 14.56
C GLY A 99 -10.91 -2.31 13.25
N ILE A 100 -9.74 -2.53 12.64
CA ILE A 100 -9.62 -3.24 11.37
C ILE A 100 -9.03 -4.62 11.65
N ASN A 101 -9.71 -5.66 11.17
CA ASN A 101 -9.26 -7.03 11.38
C ASN A 101 -8.91 -7.75 10.09
N GLU A 102 -8.96 -7.07 8.95
CA GLU A 102 -8.68 -7.70 7.66
C GLU A 102 -8.03 -6.68 6.74
N VAL A 103 -7.05 -7.14 5.97
CA VAL A 103 -6.36 -6.28 5.01
C VAL A 103 -6.16 -7.03 3.70
N VAL A 104 -6.03 -6.25 2.63
CA VAL A 104 -5.61 -6.76 1.34
C VAL A 104 -4.12 -6.49 1.20
N LEU A 105 -3.35 -7.53 0.88
CA LEU A 105 -1.91 -7.42 0.70
C LEU A 105 -1.61 -7.60 -0.78
N LEU A 106 -1.17 -6.53 -1.43
CA LEU A 106 -0.80 -6.60 -2.84
C LEU A 106 0.46 -7.42 -2.98
N ASP A 107 0.38 -8.50 -3.75
CA ASP A 107 1.44 -9.50 -3.80
C ASP A 107 1.42 -10.16 -5.16
N PRO A 108 2.44 -9.94 -6.00
CA PRO A 108 2.43 -10.54 -7.34
C PRO A 108 2.44 -12.06 -7.35
N TRP A 109 2.78 -12.69 -6.23
CA TRP A 109 2.78 -14.14 -6.13
C TRP A 109 1.46 -14.69 -5.56
N ALA A 110 0.46 -13.83 -5.37
CA ALA A 110 -0.83 -14.27 -4.88
C ALA A 110 -1.53 -15.14 -5.92
N GLU A 111 -2.43 -16.00 -5.44
CA GLU A 111 -3.19 -16.86 -6.33
C GLU A 111 -4.40 -16.14 -6.92
N GLU A 112 -5.06 -15.29 -6.14
CA GLU A 112 -6.26 -14.60 -6.59
C GLU A 112 -5.95 -13.18 -7.06
N VAL A 113 -6.62 -12.77 -8.11
CA VAL A 113 -6.50 -11.43 -8.68
C VAL A 113 -7.39 -10.48 -7.90
N LEU A 114 -6.88 -9.27 -7.63
CA LEU A 114 -7.69 -8.24 -7.01
C LEU A 114 -8.93 -7.95 -7.83
N SER A 115 -10.07 -7.76 -7.17
CA SER A 115 -11.32 -7.51 -7.87
C SER A 115 -12.20 -6.62 -7.01
N GLU A 116 -13.36 -6.25 -7.56
CA GLU A 116 -14.31 -5.40 -6.86
C GLU A 116 -14.82 -6.02 -5.58
N LYS A 117 -14.78 -7.35 -5.45
CA LYS A 117 -15.21 -8.00 -4.23
C LYS A 117 -14.24 -7.78 -3.08
N ASP A 118 -13.09 -7.16 -3.32
CA ASP A 118 -12.15 -6.81 -2.27
C ASP A 118 -12.25 -5.36 -1.83
N PHE A 119 -13.09 -4.56 -2.48
CA PHE A 119 -13.08 -3.12 -2.24
C PHE A 119 -13.92 -2.72 -1.04
N ASP A 120 -14.47 -3.67 -0.30
CA ASP A 120 -15.09 -3.38 1.00
C ASP A 120 -14.10 -3.51 2.15
N VAL A 121 -12.90 -4.03 1.89
CA VAL A 121 -11.88 -4.16 2.93
C VAL A 121 -11.38 -2.77 3.31
N LYS A 122 -11.07 -2.58 4.60
CA LYS A 122 -10.81 -1.26 5.15
C LYS A 122 -9.35 -0.85 5.08
N ALA A 123 -8.46 -1.68 4.53
CA ALA A 123 -7.05 -1.34 4.47
C ALA A 123 -6.35 -2.18 3.42
N PHE A 124 -5.45 -1.53 2.66
CA PHE A 124 -4.73 -2.15 1.56
C PHE A 124 -3.24 -1.88 1.78
N ILE A 125 -2.44 -2.95 1.86
CA ILE A 125 -0.99 -2.79 1.99
C ILE A 125 -0.40 -2.76 0.59
N ILE A 126 0.09 -1.58 0.19
CA ILE A 126 0.54 -1.34 -1.17
C ILE A 126 2.06 -1.33 -1.29
N GLY A 127 2.78 -1.41 -0.18
CA GLY A 127 4.23 -1.43 -0.23
C GLY A 127 4.79 -2.03 1.03
N GLY A 128 5.98 -2.63 0.91
CA GLY A 128 6.65 -3.19 2.06
C GLY A 128 7.22 -4.58 1.86
N ILE A 129 6.66 -5.35 0.93
CA ILE A 129 7.13 -6.70 0.70
C ILE A 129 8.55 -6.68 0.17
N VAL A 130 9.38 -7.57 0.71
CA VAL A 130 10.78 -7.69 0.31
C VAL A 130 11.08 -9.15 0.02
N ASP A 131 11.61 -9.42 -1.18
CA ASP A 131 12.00 -10.77 -1.56
C ASP A 131 12.99 -10.71 -2.73
N PRO A 141 10.95 -13.51 7.14
CA PRO A 141 9.77 -13.00 7.87
C PRO A 141 8.82 -12.23 6.97
N LYS A 142 7.81 -12.89 6.42
CA LYS A 142 6.86 -12.25 5.51
C LYS A 142 5.85 -11.40 6.29
N ILE A 143 5.53 -10.24 5.73
CA ILE A 143 4.56 -9.33 6.34
C ILE A 143 3.21 -10.02 6.52
N GLY A 144 2.76 -10.76 5.50
CA GLY A 144 1.48 -11.45 5.60
C GLY A 144 1.47 -12.50 6.70
N GLU A 145 2.58 -13.23 6.86
CA GLU A 145 2.65 -14.23 7.92
C GLU A 145 2.62 -13.59 9.29
N GLU A 146 3.32 -12.47 9.47
CA GLU A 146 3.34 -11.79 10.76
C GLU A 146 1.97 -11.21 11.10
N LEU A 147 1.28 -10.66 10.10
CA LEU A 147 -0.07 -10.15 10.35
C LEU A 147 -1.03 -11.27 10.74
N GLU A 148 -0.97 -12.39 10.04
CA GLU A 148 -1.87 -13.50 10.36
C GLU A 148 -1.56 -14.07 11.74
N SER A 149 -0.29 -14.14 12.12
CA SER A 149 0.07 -14.61 13.45
C SER A 149 -0.39 -13.64 14.54
N ALA A 150 -0.62 -12.37 14.19
CA ALA A 150 -1.15 -11.40 15.14
C ALA A 150 -2.67 -11.26 15.04
N GLY A 151 -3.34 -12.18 14.35
CA GLY A 151 -4.79 -12.18 14.32
C GLY A 151 -5.43 -11.35 13.24
N ILE A 152 -4.66 -10.90 12.25
CA ILE A 152 -5.19 -10.09 11.15
C ILE A 152 -5.43 -11.00 9.95
N LYS A 153 -6.67 -10.98 9.43
CA LYS A 153 -6.97 -11.69 8.20
C LYS A 153 -6.28 -10.99 7.02
N VAL A 154 -5.60 -11.77 6.18
CA VAL A 154 -4.81 -11.23 5.08
C VAL A 154 -5.34 -11.82 3.77
N ARG A 155 -5.84 -10.96 2.89
CA ARG A 155 -6.24 -11.34 1.54
C ARG A 155 -5.10 -10.99 0.59
N ARG A 156 -4.36 -12.01 0.14
CA ARG A 156 -3.30 -11.79 -0.83
C ARG A 156 -3.92 -11.67 -2.22
N ARG A 157 -3.65 -10.56 -2.90
CA ARG A 157 -4.24 -10.26 -4.20
C ARG A 157 -3.17 -9.68 -5.12
N LYS A 158 -3.18 -10.12 -6.38
CA LYS A 158 -2.21 -9.64 -7.37
C LYS A 158 -2.91 -8.80 -8.43
N ILE A 159 -2.11 -7.99 -9.11
CA ILE A 159 -2.56 -7.21 -10.26
C ILE A 159 -1.94 -7.81 -11.52
N VAL A 160 -2.79 -8.08 -12.52
CA VAL A 160 -2.33 -8.66 -13.78
C VAL A 160 -2.96 -7.88 -14.94
N LEU A 161 -2.37 -8.07 -16.12
CA LEU A 161 -2.90 -7.53 -17.37
C LEU A 161 -3.00 -8.68 -18.36
N ARG A 162 -4.22 -9.00 -18.76
CA ARG A 162 -4.49 -10.20 -19.59
C ARG A 162 -3.95 -11.45 -18.92
N GLY A 163 -4.07 -11.52 -17.60
CA GLY A 163 -3.57 -12.67 -16.86
C GLY A 163 -2.06 -12.76 -16.77
N ASP A 164 -1.33 -11.71 -17.14
CA ASP A 164 0.12 -11.72 -17.11
C ASP A 164 0.63 -10.49 -16.37
N VAL A 165 1.93 -10.49 -16.07
CA VAL A 165 2.57 -9.37 -15.38
C VAL A 165 3.22 -8.38 -16.32
N VAL A 166 3.27 -8.67 -17.62
CA VAL A 166 3.88 -7.75 -18.57
C VAL A 166 3.05 -6.47 -18.65
N GLY A 167 3.72 -5.33 -18.49
CA GLY A 167 3.04 -4.05 -18.45
C GLY A 167 2.48 -3.66 -17.11
N VAL A 168 2.55 -4.53 -16.10
CA VAL A 168 2.03 -4.24 -14.78
C VAL A 168 3.11 -3.50 -13.99
N PRO A 169 2.87 -2.27 -13.56
CA PRO A 169 3.87 -1.56 -12.75
C PRO A 169 4.04 -2.20 -11.38
N ASP A 170 5.27 -2.12 -10.87
CA ASP A 170 5.60 -2.64 -9.55
C ASP A 170 5.94 -1.54 -8.56
N ARG A 171 5.89 -0.28 -8.97
CA ARG A 171 6.13 0.84 -8.07
C ARG A 171 4.89 1.17 -7.26
N ILE A 172 5.10 1.55 -6.00
CA ILE A 172 4.03 1.66 -5.01
C ILE A 172 2.94 2.62 -5.48
N ASN A 173 3.34 3.80 -5.95
CA ASN A 173 2.35 4.81 -6.27
C ASN A 173 1.54 4.42 -7.50
N ARG A 174 2.15 3.67 -8.43
CA ARG A 174 1.43 3.21 -9.61
C ARG A 174 0.46 2.09 -9.26
N ILE A 175 0.87 1.18 -8.35
CA ILE A 175 -0.04 0.19 -7.82
C ILE A 175 -1.25 0.87 -7.19
N LEU A 176 -1.00 1.92 -6.40
CA LEU A 176 -2.08 2.68 -5.80
C LEU A 176 -2.98 3.29 -6.86
N GLY A 177 -2.39 3.90 -7.90
CA GLY A 177 -3.19 4.48 -8.97
C GLY A 177 -4.09 3.46 -9.64
N ILE A 178 -3.59 2.23 -9.82
CA ILE A 178 -4.39 1.17 -10.40
C ILE A 178 -5.59 0.86 -9.51
N ILE A 179 -5.35 0.70 -8.21
CA ILE A 179 -6.42 0.38 -7.28
C ILE A 179 -7.48 1.48 -7.29
N LEU A 180 -7.05 2.74 -7.27
CA LEU A 180 -8.00 3.85 -7.20
C LEU A 180 -8.84 3.96 -8.47
N LYS A 181 -8.23 3.71 -9.63
CA LYS A 181 -9.02 3.69 -10.86
C LYS A 181 -10.10 2.61 -10.81
N MET A 182 -9.76 1.44 -10.28
CA MET A 182 -10.75 0.37 -10.14
C MET A 182 -11.79 0.73 -9.07
N MET A 183 -11.33 1.16 -7.91
CA MET A 183 -12.21 1.33 -6.75
C MET A 183 -13.07 2.58 -6.85
N VAL A 184 -12.50 3.69 -7.28
CA VAL A 184 -13.24 4.95 -7.34
C VAL A 184 -13.95 5.14 -8.68
N GLU A 185 -13.26 4.87 -9.79
CA GLU A 185 -13.82 5.10 -11.11
C GLU A 185 -14.50 3.88 -11.71
N GLY A 186 -14.45 2.73 -11.04
CA GLY A 186 -15.12 1.55 -11.55
C GLY A 186 -14.52 0.96 -12.80
N LYS A 187 -13.24 1.24 -13.06
CA LYS A 187 -12.58 0.72 -14.24
C LYS A 187 -12.18 -0.73 -14.03
N SER A 188 -12.19 -1.51 -15.12
CA SER A 188 -11.66 -2.86 -15.05
C SER A 188 -10.17 -2.83 -14.77
N MET A 189 -9.64 -3.97 -14.34
CA MET A 189 -8.22 -4.05 -14.05
C MET A 189 -7.39 -3.84 -15.31
N ASP A 190 -7.80 -4.45 -16.43
CA ASP A 190 -7.11 -4.25 -17.69
C ASP A 190 -7.08 -2.78 -18.08
N GLU A 191 -8.22 -2.09 -17.94
CA GLU A 191 -8.28 -0.66 -18.24
C GLU A 191 -7.39 0.13 -17.29
N ALA A 192 -7.47 -0.15 -15.99
CA ALA A 192 -6.71 0.60 -15.01
C ALA A 192 -5.21 0.40 -15.20
N VAL A 193 -4.79 -0.84 -15.50
CA VAL A 193 -3.37 -1.09 -15.73
C VAL A 193 -2.90 -0.38 -16.99
N TYR A 194 -3.70 -0.47 -18.07
CA TYR A 194 -3.34 0.22 -19.30
C TYR A 194 -3.19 1.72 -19.09
N GLU A 195 -4.10 2.32 -18.33
CA GLU A 195 -4.03 3.77 -18.10
C GLU A 195 -2.82 4.14 -17.25
N MET A 196 -2.42 3.26 -16.34
CA MET A 196 -1.32 3.53 -15.41
C MET A 196 0.03 3.08 -15.94
N GLN A 197 0.11 2.69 -17.21
CA GLN A 197 1.40 2.28 -17.78
C GLN A 197 2.24 3.49 -18.12
#